data_6D40
#
_entry.id   6D40
#
_cell.length_a   85.318
_cell.length_b   41.754
_cell.length_c   78.996
_cell.angle_alpha   90.000
_cell.angle_beta   109.570
_cell.angle_gamma   90.000
#
_symmetry.space_group_name_H-M   'C 1 2 1'
#
loop_
_entity.id
_entity.type
_entity.pdbx_description
1 polymer Plasminogen
2 polymer 'Trypsin inhibitor 1'
3 non-polymer 'SULFATE ION'
4 water water
#
loop_
_entity_poly.entity_id
_entity_poly.type
_entity_poly.pdbx_seq_one_letter_code
_entity_poly.pdbx_strand_id
1 'polypeptide(L)'
;PSFDCGKPQVEPKKCPGRVVGGCVAHPHSWPWQVSLRTRFGMHFCGGTLISPEWVLTAAHCLEKSPRPSSYKVILGAHQE
VNLEPHVQEIEVSRLFLEPTRKDIALLKLSSPAVITDKVIPACLPSPNYVVADRTECFITGWGETQGTFGAGLLKEAQLP
VIENKVCNRYEFLNGRVQSTELCAGHLAGGTDSCQGDSGGPLVCFEKDKYILQGVTSWGLGCARPNKPGVYVRVSRFVTW
IEGVMRNN
;
A
2 'polypeptide(L)' GRCYKSIPPICFPD C
#
# COMPACT_ATOMS: atom_id res chain seq x y z
N PRO A 1 8.89 22.13 -14.23
CA PRO A 1 9.23 20.71 -14.08
C PRO A 1 8.33 20.01 -13.07
N SER A 2 7.02 20.11 -13.26
CA SER A 2 6.04 19.53 -12.35
C SER A 2 5.52 18.20 -12.89
N PHE A 3 5.01 17.38 -11.99
CA PHE A 3 4.56 16.03 -12.32
C PHE A 3 3.17 15.80 -11.74
N ASP A 4 2.20 15.53 -12.62
CA ASP A 4 0.84 15.25 -12.17
C ASP A 4 0.77 13.95 -11.39
N CYS A 5 -0.18 13.89 -10.46
CA CYS A 5 -0.35 12.66 -9.68
C CYS A 5 -0.70 11.49 -10.58
N GLY A 6 -0.31 10.30 -10.15
CA GLY A 6 -0.77 9.08 -10.77
C GLY A 6 -0.12 8.69 -12.08
N LYS A 7 0.85 9.47 -12.57
CA LYS A 7 1.46 9.23 -13.87
C LYS A 7 2.94 8.89 -13.74
N PRO A 8 3.30 7.62 -13.71
CA PRO A 8 4.71 7.24 -13.61
C PRO A 8 5.51 7.74 -14.81
N GLN A 9 6.76 8.07 -14.55
CA GLN A 9 7.69 8.53 -15.59
C GLN A 9 8.52 7.38 -16.15
N VAL A 10 8.40 6.20 -15.56
CA VAL A 10 8.86 4.94 -16.13
C VAL A 10 7.62 4.06 -16.20
N GLU A 11 7.31 3.55 -17.38
CA GLU A 11 6.04 2.83 -17.53
C GLU A 11 6.11 1.51 -16.78
N PRO A 12 5.10 1.16 -15.99
CA PRO A 12 5.11 -0.12 -15.28
C PRO A 12 5.17 -1.31 -16.23
N LYS A 13 5.90 -2.33 -15.79
CA LYS A 13 5.92 -3.63 -16.46
C LYS A 13 4.51 -4.22 -16.44
N LYS A 14 4.15 -4.89 -17.54
CA LYS A 14 2.80 -5.43 -17.69
C LYS A 14 2.49 -6.47 -16.61
N CYS A 15 3.24 -7.58 -16.59
CA CYS A 15 3.18 -8.58 -15.54
C CYS A 15 1.80 -9.20 -15.40
N PRO A 16 1.24 -9.82 -16.47
CA PRO A 16 -0.08 -10.43 -16.31
C PRO A 16 -0.03 -11.69 -15.45
N VAL A 19 5.52 -9.40 -1.61
CA VAL A 19 4.64 -9.83 -2.68
C VAL A 19 5.00 -11.24 -3.11
N VAL A 20 4.03 -12.15 -3.05
CA VAL A 20 4.19 -13.54 -3.50
C VAL A 20 3.76 -13.61 -4.97
N GLY A 21 4.60 -14.21 -5.81
CA GLY A 21 4.28 -14.20 -7.22
C GLY A 21 4.54 -12.83 -7.82
N GLY A 22 3.89 -12.58 -8.96
CA GLY A 22 4.10 -11.31 -9.63
C GLY A 22 5.49 -11.19 -10.23
N CYS A 23 5.98 -9.95 -10.32
CA CYS A 23 7.27 -9.67 -10.95
CA CYS A 23 7.30 -9.74 -10.89
C CYS A 23 7.96 -8.56 -10.19
N VAL A 24 9.24 -8.36 -10.50
CA VAL A 24 9.98 -7.20 -10.00
C VAL A 24 9.61 -6.01 -10.87
N ALA A 25 9.29 -4.88 -10.25
CA ALA A 25 8.92 -3.69 -11.01
C ALA A 25 10.13 -3.11 -11.75
N HIS A 26 9.86 -2.39 -12.83
CA HIS A 26 10.85 -1.49 -13.39
C HIS A 26 11.18 -0.44 -12.33
N PRO A 27 12.45 -0.14 -12.08
CA PRO A 27 12.75 0.87 -11.05
C PRO A 27 12.07 2.19 -11.35
N HIS A 28 11.45 2.76 -10.31
CA HIS A 28 10.81 4.07 -10.36
C HIS A 28 9.52 4.09 -11.17
N SER A 29 8.96 2.93 -11.47
CA SER A 29 7.67 2.89 -12.16
C SER A 29 6.48 3.01 -11.21
N TRP A 30 6.72 3.02 -9.90
CA TRP A 30 5.68 3.20 -8.90
C TRP A 30 6.14 4.30 -7.95
N PRO A 31 6.18 5.54 -8.44
CA PRO A 31 6.93 6.58 -7.73
C PRO A 31 6.28 7.08 -6.46
N TRP A 32 5.05 6.68 -6.17
CA TRP A 32 4.39 6.99 -4.91
C TRP A 32 4.66 5.95 -3.83
N GLN A 33 5.34 4.86 -4.16
CA GLN A 33 5.54 3.79 -3.18
C GLN A 33 6.52 4.28 -2.11
N VAL A 34 6.14 4.10 -0.84
CA VAL A 34 6.95 4.48 0.32
C VAL A 34 7.42 3.21 1.01
N SER A 35 8.62 3.26 1.58
CA SER A 35 9.06 2.28 2.58
C SER A 35 9.02 2.95 3.96
N LEU A 36 8.33 2.33 4.89
CA LEU A 36 8.22 2.85 6.24
C LEU A 36 9.19 2.08 7.14
N ARG A 37 9.98 2.81 7.92
CA ARG A 37 11.02 2.21 8.74
C ARG A 37 11.01 2.85 10.12
N THR A 38 11.60 2.14 11.09
CA THR A 38 11.86 2.75 12.37
C THR A 38 13.12 3.60 12.28
N ARG A 39 13.49 4.24 13.39
CA ARG A 39 14.57 5.23 13.35
C ARG A 39 15.90 4.60 12.95
N PHE A 40 16.22 3.43 13.49
CA PHE A 40 17.42 2.70 13.11
C PHE A 40 17.12 1.36 12.48
N GLY A 41 15.84 1.09 12.17
CA GLY A 41 15.43 -0.21 11.72
C GLY A 41 15.26 -0.30 10.21
N MET A 42 14.95 -1.51 9.77
CA MET A 42 14.80 -1.79 8.36
CA MET A 42 14.79 -1.81 8.36
C MET A 42 13.34 -1.59 7.94
N HIS A 43 13.08 -1.89 6.68
CA HIS A 43 11.72 -1.81 6.16
C HIS A 43 10.79 -2.75 6.92
N PHE A 44 9.62 -2.25 7.30
CA PHE A 44 8.61 -3.09 7.96
C PHE A 44 7.19 -2.91 7.43
N CYS A 45 6.90 -1.86 6.67
CA CYS A 45 5.58 -1.61 6.10
C CYS A 45 5.77 -0.71 4.89
N GLY A 46 4.77 -0.67 4.03
CA GLY A 46 4.72 0.29 2.93
C GLY A 46 3.82 1.48 3.23
N GLY A 47 3.74 2.37 2.24
CA GLY A 47 2.85 3.52 2.27
C GLY A 47 2.76 4.10 0.87
N THR A 48 1.90 5.11 0.73
CA THR A 48 1.69 5.77 -0.56
C THR A 48 1.78 7.27 -0.34
N LEU A 49 2.68 7.93 -1.08
CA LEU A 49 2.74 9.38 -1.08
C LEU A 49 1.50 9.91 -1.76
N ILE A 50 0.76 10.80 -1.09
CA ILE A 50 -0.44 11.39 -1.67
C ILE A 50 -0.33 12.89 -1.89
N SER A 51 0.70 13.53 -1.34
CA SER A 51 1.03 14.93 -1.58
C SER A 51 2.44 15.13 -1.01
N PRO A 52 3.11 16.25 -1.26
CA PRO A 52 4.49 16.38 -0.77
C PRO A 52 4.67 16.16 0.74
N GLU A 53 3.69 16.51 1.56
CA GLU A 53 3.87 16.38 3.00
C GLU A 53 3.14 15.20 3.62
N TRP A 54 2.48 14.35 2.83
CA TRP A 54 1.54 13.39 3.38
C TRP A 54 1.70 11.99 2.79
N VAL A 55 1.76 11.00 3.66
CA VAL A 55 1.84 9.60 3.29
C VAL A 55 0.66 8.85 3.91
N LEU A 56 -0.03 8.04 3.11
CA LEU A 56 -1.10 7.19 3.60
C LEU A 56 -0.55 5.79 3.84
N THR A 57 -0.90 5.21 4.98
CA THR A 57 -0.45 3.86 5.33
C THR A 57 -1.59 3.14 6.07
N ALA A 58 -1.30 1.93 6.55
CA ALA A 58 -2.24 1.18 7.37
C ALA A 58 -2.00 1.53 8.83
N ALA A 59 -3.10 1.67 9.58
CA ALA A 59 -3.00 2.03 10.98
C ALA A 59 -2.22 1.01 11.81
N HIS A 60 -2.32 -0.29 11.46
CA HIS A 60 -1.63 -1.29 12.27
C HIS A 60 -0.11 -1.19 12.13
N CYS A 61 0.40 -0.53 11.08
CA CYS A 61 1.82 -0.28 10.94
C CYS A 61 2.35 0.69 12.00
N LEU A 62 1.47 1.31 12.77
CA LEU A 62 1.88 2.28 13.78
C LEU A 62 1.73 1.75 15.21
N GLU A 63 1.54 0.45 15.38
CA GLU A 63 1.30 -0.05 16.72
C GLU A 63 2.57 -0.29 17.53
N LYS A 64 3.74 -0.29 16.89
CA LYS A 64 4.98 -0.44 17.65
C LYS A 64 5.24 0.79 18.52
N SER A 65 4.77 1.96 18.10
CA SER A 65 5.05 3.17 18.85
C SER A 65 4.06 4.28 18.50
N PRO A 66 3.49 4.96 19.50
CA PRO A 66 2.59 6.10 19.21
C PRO A 66 3.32 7.40 18.93
N ARG A 67 4.67 7.40 18.90
CA ARG A 67 5.45 8.63 18.74
C ARG A 67 5.88 8.81 17.30
N PRO A 68 5.61 9.97 16.69
CA PRO A 68 6.05 10.20 15.29
C PRO A 68 7.55 10.07 15.08
N SER A 69 8.35 10.45 16.08
CA SER A 69 9.80 10.38 15.96
C SER A 69 10.32 8.96 15.78
N SER A 70 9.48 7.95 16.01
CA SER A 70 9.88 6.57 15.86
C SER A 70 9.96 6.13 14.41
N TYR A 71 9.49 6.96 13.47
CA TYR A 71 9.28 6.52 12.10
C TYR A 71 10.00 7.41 11.10
N LYS A 72 10.40 6.81 9.99
CA LYS A 72 10.95 7.55 8.87
C LYS A 72 10.45 6.93 7.58
N VAL A 73 10.38 7.74 6.53
CA VAL A 73 9.88 7.30 5.24
C VAL A 73 10.99 7.40 4.20
N ILE A 74 11.09 6.36 3.39
CA ILE A 74 12.04 6.32 2.28
CA ILE A 74 12.04 6.31 2.28
C ILE A 74 11.24 6.44 0.99
N LEU A 75 11.57 7.44 0.18
CA LEU A 75 10.90 7.72 -1.08
C LEU A 75 11.88 7.58 -2.23
N GLY A 76 11.37 7.13 -3.38
CA GLY A 76 12.19 6.96 -4.58
C GLY A 76 13.02 5.69 -4.64
N ALA A 77 12.72 4.72 -3.79
CA ALA A 77 13.57 3.54 -3.65
C ALA A 77 13.16 2.42 -4.61
N HIS A 78 14.11 1.55 -4.87
CA HIS A 78 13.85 0.28 -5.53
C HIS A 78 14.36 -0.90 -4.72
N GLN A 79 15.52 -0.76 -4.11
CA GLN A 79 16.07 -1.79 -3.24
C GLN A 79 15.42 -1.67 -1.86
N GLU A 80 15.27 -2.83 -1.20
CA GLU A 80 14.75 -2.84 0.15
C GLU A 80 15.80 -2.42 1.16
N VAL A 81 17.08 -2.76 0.94
CA VAL A 81 18.14 -2.57 1.91
C VAL A 81 19.21 -1.61 1.42
N ASN A 82 19.75 -1.84 0.22
CA ASN A 82 20.83 -1.01 -0.32
C ASN A 82 20.22 0.18 -1.08
N LEU A 83 19.87 1.22 -0.33
CA LEU A 83 19.19 2.37 -0.91
C LEU A 83 20.07 3.09 -1.93
N GLU A 84 19.45 3.50 -3.04
CA GLU A 84 20.16 4.19 -4.09
C GLU A 84 20.63 5.56 -3.62
N PRO A 85 21.57 6.17 -4.33
CA PRO A 85 22.08 7.49 -3.88
C PRO A 85 21.01 8.57 -3.78
N HIS A 86 20.04 8.58 -4.70
CA HIS A 86 19.11 9.70 -4.80
C HIS A 86 17.86 9.55 -3.96
N VAL A 87 17.75 8.51 -3.13
CA VAL A 87 16.53 8.31 -2.35
CA VAL A 87 16.55 8.28 -2.33
C VAL A 87 16.38 9.41 -1.31
N GLN A 88 15.13 9.76 -1.02
CA GLN A 88 14.81 10.75 -0.01
C GLN A 88 14.39 10.03 1.26
N GLU A 89 15.04 10.37 2.37
CA GLU A 89 14.69 9.84 3.68
C GLU A 89 14.19 11.00 4.52
N ILE A 90 12.97 10.89 5.03
CA ILE A 90 12.30 12.01 5.72
C ILE A 90 11.68 11.51 7.01
N GLU A 91 11.97 12.19 8.11
CA GLU A 91 11.39 11.86 9.40
C GLU A 91 9.91 12.22 9.41
N VAL A 92 9.13 11.47 10.19
CA VAL A 92 7.71 11.74 10.34
C VAL A 92 7.50 12.69 11.50
N SER A 93 6.63 13.69 11.32
CA SER A 93 6.35 14.67 12.36
C SER A 93 5.02 14.49 13.07
N ARG A 94 4.00 13.90 12.41
CA ARG A 94 2.69 13.70 13.01
C ARG A 94 2.07 12.42 12.49
N LEU A 95 1.23 11.81 13.34
CA LEU A 95 0.46 10.62 13.02
C LEU A 95 -1.01 10.90 13.23
N PHE A 96 -1.84 10.52 12.26
CA PHE A 96 -3.29 10.68 12.35
C PHE A 96 -3.96 9.37 11.98
N LEU A 97 -4.59 8.71 12.95
CA LEU A 97 -5.29 7.48 12.68
C LEU A 97 -6.75 7.76 12.34
N GLU A 98 -7.31 6.95 11.46
CA GLU A 98 -8.70 7.14 11.06
C GLU A 98 -9.62 6.99 12.27
N PRO A 99 -10.59 7.88 12.45
CA PRO A 99 -11.27 7.99 13.76
C PRO A 99 -12.33 6.92 14.03
N THR A 100 -12.81 6.17 13.04
CA THR A 100 -13.71 5.07 13.30
C THR A 100 -12.99 3.73 13.47
N ARG A 101 -11.68 3.77 13.70
CA ARG A 101 -10.83 2.61 14.00
C ARG A 101 -10.60 1.71 12.79
N LYS A 102 -10.77 2.23 11.59
CA LYS A 102 -10.43 1.45 10.41
C LYS A 102 -8.92 1.47 10.20
N ASP A 103 -8.42 0.54 9.39
CA ASP A 103 -6.99 0.27 9.33
C ASP A 103 -6.26 1.20 8.36
N ILE A 104 -6.38 2.51 8.59
CA ILE A 104 -5.80 3.49 7.68
C ILE A 104 -5.34 4.69 8.51
N ALA A 105 -4.25 5.32 8.08
CA ALA A 105 -3.60 6.37 8.85
C ALA A 105 -2.82 7.29 7.91
N LEU A 106 -2.63 8.52 8.35
CA LEU A 106 -1.84 9.51 7.63
C LEU A 106 -0.58 9.85 8.43
N LEU A 107 0.54 9.97 7.72
CA LEU A 107 1.79 10.46 8.26
C LEU A 107 2.06 11.83 7.67
N LYS A 108 2.28 12.83 8.52
CA LYS A 108 2.78 14.10 8.03
C LYS A 108 4.29 14.06 8.08
N LEU A 109 4.93 14.44 6.96
CA LEU A 109 6.37 14.44 6.88
C LEU A 109 6.94 15.73 7.45
N SER A 110 8.13 15.61 8.06
CA SER A 110 8.78 16.74 8.72
CA SER A 110 8.74 16.76 8.73
C SER A 110 9.20 17.83 7.75
N SER A 111 9.38 17.48 6.48
CA SER A 111 9.67 18.43 5.41
C SER A 111 9.01 17.89 4.16
N PRO A 112 8.63 18.74 3.21
CA PRO A 112 7.97 18.24 2.01
C PRO A 112 8.93 17.43 1.16
N ALA A 113 8.44 16.28 0.68
CA ALA A 113 9.16 15.52 -0.32
C ALA A 113 9.38 16.40 -1.55
N VAL A 114 10.54 16.26 -2.17
CA VAL A 114 10.80 16.94 -3.44
C VAL A 114 10.21 16.08 -4.53
N ILE A 115 9.35 16.66 -5.36
CA ILE A 115 8.67 15.91 -6.41
C ILE A 115 9.56 15.88 -7.64
N THR A 116 9.92 14.67 -8.06
CA THR A 116 10.88 14.45 -9.15
C THR A 116 10.32 13.36 -10.06
N ASP A 117 11.09 13.00 -11.08
CA ASP A 117 10.69 11.91 -11.96
C ASP A 117 10.63 10.56 -11.25
N LYS A 118 11.14 10.48 -10.01
CA LYS A 118 11.12 9.23 -9.25
C LYS A 118 10.28 9.29 -7.98
N VAL A 119 9.75 10.46 -7.62
CA VAL A 119 8.95 10.64 -6.40
C VAL A 119 7.76 11.51 -6.80
N ILE A 120 6.58 10.89 -6.91
CA ILE A 120 5.39 11.53 -7.44
C ILE A 120 4.21 10.97 -6.66
N PRO A 121 3.23 11.79 -6.23
CA PRO A 121 2.11 11.23 -5.48
C PRO A 121 1.15 10.45 -6.36
N ALA A 122 0.44 9.53 -5.71
CA ALA A 122 -0.70 8.87 -6.32
C ALA A 122 -1.91 9.80 -6.30
N CYS A 123 -2.87 9.52 -7.17
CA CYS A 123 -4.13 10.25 -7.20
C CYS A 123 -5.15 9.57 -6.31
N LEU A 124 -5.93 10.37 -5.59
CA LEU A 124 -7.02 9.84 -4.78
C LEU A 124 -8.28 9.66 -5.62
N PRO A 125 -9.14 8.72 -5.26
CA PRO A 125 -10.38 8.50 -6.01
C PRO A 125 -11.45 9.49 -5.57
N SER A 126 -12.53 9.51 -6.34
CA SER A 126 -13.70 10.26 -5.93
C SER A 126 -14.29 9.63 -4.66
N PRO A 127 -14.85 10.43 -3.76
CA PRO A 127 -15.40 9.90 -2.51
C PRO A 127 -16.42 8.79 -2.77
N ASN A 128 -16.24 7.67 -2.09
CA ASN A 128 -17.18 6.55 -2.03
C ASN A 128 -17.30 5.75 -3.32
N TYR A 129 -16.39 5.97 -4.26
CA TYR A 129 -16.35 5.17 -5.49
C TYR A 129 -16.15 3.70 -5.15
N VAL A 130 -16.84 2.81 -5.88
CA VAL A 130 -16.72 1.37 -5.69
C VAL A 130 -16.08 0.76 -6.94
N VAL A 131 -14.88 0.20 -6.76
CA VAL A 131 -14.21 -0.49 -7.86
C VAL A 131 -15.02 -1.70 -8.29
N ALA A 132 -15.27 -1.82 -9.59
CA ALA A 132 -16.15 -2.86 -10.10
C ALA A 132 -15.49 -4.25 -10.01
N ASP A 133 -16.34 -5.27 -9.88
CA ASP A 133 -15.87 -6.65 -9.88
C ASP A 133 -15.04 -6.93 -11.12
N ARG A 134 -13.93 -7.65 -10.93
CA ARG A 134 -13.00 -8.13 -11.96
C ARG A 134 -12.06 -7.04 -12.48
N THR A 135 -12.09 -5.83 -11.94
CA THR A 135 -11.18 -4.78 -12.38
C THR A 135 -9.75 -5.19 -12.09
N GLU A 136 -8.88 -5.10 -13.09
CA GLU A 136 -7.47 -5.43 -12.89
C GLU A 136 -6.75 -4.26 -12.23
N CYS A 137 -6.13 -4.51 -11.10
CA CYS A 137 -5.40 -3.49 -10.37
C CYS A 137 -4.00 -4.01 -10.06
N PHE A 138 -3.17 -3.15 -9.48
CA PHE A 138 -1.78 -3.48 -9.19
C PHE A 138 -1.51 -3.24 -7.72
N ILE A 139 -0.81 -4.18 -7.10
CA ILE A 139 -0.32 -4.04 -5.73
C ILE A 139 1.19 -4.07 -5.77
N THR A 140 1.85 -3.27 -4.92
CA THR A 140 3.30 -3.16 -4.94
C THR A 140 3.85 -3.19 -3.53
N GLY A 141 5.08 -3.67 -3.38
CA GLY A 141 5.75 -3.58 -2.09
C GLY A 141 6.98 -4.45 -2.02
N TRP A 142 7.62 -4.41 -0.84
CA TRP A 142 8.84 -5.16 -0.55
C TRP A 142 8.62 -6.36 0.38
N GLY A 143 7.39 -6.86 0.47
CA GLY A 143 7.08 -7.88 1.47
C GLY A 143 7.63 -9.26 1.13
N GLU A 144 7.30 -10.20 2.02
CA GLU A 144 7.68 -11.61 1.87
C GLU A 144 7.22 -12.14 0.51
N THR A 145 8.07 -12.99 -0.09
CA THR A 145 7.77 -13.56 -1.40
C THR A 145 7.43 -15.05 -1.35
N GLN A 146 7.54 -15.70 -0.19
CA GLN A 146 7.27 -17.13 -0.04
C GLN A 146 7.95 -17.96 -1.13
N GLY A 147 9.24 -17.68 -1.34
CA GLY A 147 10.04 -18.44 -2.26
C GLY A 147 9.97 -18.01 -3.71
N THR A 148 9.12 -17.05 -4.06
CA THR A 148 9.10 -16.58 -5.44
C THR A 148 10.20 -15.54 -5.64
N PHE A 149 10.58 -15.33 -6.91
CA PHE A 149 11.72 -14.47 -7.16
C PHE A 149 11.42 -13.02 -6.80
N GLY A 150 12.49 -12.26 -6.60
CA GLY A 150 12.39 -10.83 -6.42
C GLY A 150 12.57 -10.32 -5.00
N ALA A 151 13.00 -11.16 -4.07
CA ALA A 151 13.17 -10.71 -2.69
C ALA A 151 14.20 -9.59 -2.62
N GLY A 152 13.88 -8.56 -1.83
CA GLY A 152 14.75 -7.42 -1.66
C GLY A 152 14.59 -6.33 -2.71
N LEU A 153 13.68 -6.51 -3.67
CA LEU A 153 13.43 -5.55 -4.73
C LEU A 153 11.95 -5.22 -4.74
N LEU A 154 11.60 -4.03 -5.25
CA LEU A 154 10.20 -3.64 -5.30
C LEU A 154 9.47 -4.51 -6.30
N LYS A 155 8.43 -5.19 -5.83
CA LYS A 155 7.67 -6.11 -6.65
C LYS A 155 6.27 -5.55 -6.91
N GLU A 156 5.64 -6.10 -7.94
CA GLU A 156 4.29 -5.76 -8.30
C GLU A 156 3.55 -7.04 -8.64
N ALA A 157 2.24 -6.96 -8.52
CA ALA A 157 1.38 -8.03 -9.00
C ALA A 157 0.11 -7.41 -9.53
N GLN A 158 -0.38 -7.96 -10.64
CA GLN A 158 -1.63 -7.55 -11.25
C GLN A 158 -2.71 -8.53 -10.80
N LEU A 159 -3.69 -8.00 -10.06
CA LEU A 159 -4.73 -8.85 -9.49
C LEU A 159 -6.10 -8.28 -9.81
N PRO A 160 -7.09 -9.14 -10.03
CA PRO A 160 -8.45 -8.66 -10.23
C PRO A 160 -9.14 -8.42 -8.90
N VAL A 161 -9.96 -7.36 -8.86
CA VAL A 161 -10.82 -7.13 -7.71
C VAL A 161 -11.93 -8.17 -7.68
N ILE A 162 -12.25 -8.65 -6.48
CA ILE A 162 -13.36 -9.57 -6.27
C ILE A 162 -14.39 -8.81 -5.45
N GLU A 163 -15.59 -8.64 -5.98
CA GLU A 163 -16.60 -7.84 -5.29
C GLU A 163 -16.89 -8.44 -3.92
N ASN A 164 -17.20 -7.56 -2.96
CA ASN A 164 -17.32 -7.95 -1.56
C ASN A 164 -18.32 -9.08 -1.36
N LYS A 165 -19.46 -9.02 -2.04
CA LYS A 165 -20.49 -10.05 -1.85
C LYS A 165 -19.97 -11.44 -2.20
N VAL A 166 -19.05 -11.53 -3.15
CA VAL A 166 -18.44 -12.80 -3.50
C VAL A 166 -17.37 -13.19 -2.51
N CYS A 167 -16.47 -12.25 -2.20
CA CYS A 167 -15.37 -12.49 -1.28
CA CYS A 167 -15.38 -12.63 -1.32
C CYS A 167 -15.85 -12.93 0.10
N ASN A 168 -17.04 -12.45 0.50
CA ASN A 168 -17.59 -12.78 1.82
C ASN A 168 -18.28 -14.14 1.87
N ARG A 169 -18.28 -14.92 0.79
CA ARG A 169 -18.93 -16.22 0.83
C ARG A 169 -18.18 -17.19 1.73
N TYR A 170 -18.90 -18.21 2.21
CA TYR A 170 -18.35 -19.12 3.22
C TYR A 170 -17.02 -19.73 2.77
N GLU A 171 -16.96 -20.19 1.52
CA GLU A 171 -15.75 -20.85 1.03
C GLU A 171 -14.57 -19.89 0.86
N PHE A 172 -14.83 -18.58 0.85
CA PHE A 172 -13.76 -17.61 0.70
C PHE A 172 -13.45 -16.98 2.05
N LEU A 173 -13.88 -15.74 2.30
CA LEU A 173 -13.55 -15.05 3.54
C LEU A 173 -14.67 -15.04 4.57
N ASN A 174 -15.82 -15.65 4.26
CA ASN A 174 -16.85 -16.01 5.25
C ASN A 174 -17.26 -14.84 6.14
N GLY A 175 -17.73 -13.76 5.51
CA GLY A 175 -18.34 -12.66 6.24
C GLY A 175 -17.38 -11.69 6.89
N ARG A 176 -16.07 -11.88 6.74
CA ARG A 176 -15.09 -11.05 7.44
C ARG A 176 -14.93 -9.65 6.84
N VAL A 177 -15.26 -9.46 5.57
CA VAL A 177 -14.86 -8.25 4.85
C VAL A 177 -15.91 -7.17 5.03
N GLN A 178 -15.45 -5.97 5.40
CA GLN A 178 -16.36 -4.86 5.66
C GLN A 178 -16.56 -4.04 4.40
N SER A 179 -17.61 -3.21 4.42
CA SER A 179 -17.90 -2.36 3.26
C SER A 179 -16.78 -1.35 3.01
N THR A 180 -16.03 -1.00 4.05
CA THR A 180 -14.88 -0.11 3.93
C THR A 180 -13.60 -0.85 3.54
N GLU A 181 -13.72 -2.10 3.09
CA GLU A 181 -12.63 -2.89 2.56
C GLU A 181 -13.00 -3.37 1.16
N LEU A 182 -11.98 -3.82 0.42
CA LEU A 182 -12.19 -4.50 -0.85
C LEU A 182 -11.26 -5.71 -0.91
N CYS A 183 -11.57 -6.61 -1.83
CA CYS A 183 -10.80 -7.85 -2.01
C CYS A 183 -10.16 -7.86 -3.38
N ALA A 184 -8.99 -8.49 -3.48
CA ALA A 184 -8.33 -8.68 -4.77
C ALA A 184 -7.50 -9.95 -4.73
N GLY A 185 -7.46 -10.67 -5.84
CA GLY A 185 -6.62 -11.84 -5.96
C GLY A 185 -7.24 -12.85 -6.90
N HIS A 186 -6.46 -13.89 -7.20
CA HIS A 186 -6.96 -15.03 -7.96
C HIS A 186 -7.47 -16.10 -7.01
N LEU A 187 -8.64 -16.67 -7.32
CA LEU A 187 -9.16 -17.72 -6.46
C LEU A 187 -8.25 -18.95 -6.47
N ALA A 188 -7.49 -19.15 -7.55
CA ALA A 188 -6.53 -20.23 -7.58
C ALA A 188 -5.37 -20.02 -6.61
N GLY A 189 -5.19 -18.80 -6.11
CA GLY A 189 -4.09 -18.47 -5.25
C GLY A 189 -2.80 -18.29 -6.04
N GLY A 190 -1.71 -18.10 -5.30
CA GLY A 190 -0.39 -18.05 -5.89
C GLY A 190 0.20 -16.65 -6.04
N THR A 191 -0.63 -15.62 -5.96
CA THR A 191 -0.15 -14.24 -6.12
C THR A 191 -0.86 -13.35 -5.10
N ASP A 192 -0.09 -12.62 -4.31
CA ASP A 192 -0.70 -11.89 -3.20
C ASP A 192 0.28 -10.90 -2.60
N SER A 193 -0.26 -9.91 -1.92
CA SER A 193 0.55 -9.14 -0.98
C SER A 193 0.82 -10.01 0.25
N CYS A 194 1.90 -9.70 0.95
CA CYS A 194 2.27 -10.52 2.10
C CYS A 194 2.97 -9.66 3.14
N GLN A 195 3.53 -10.31 4.16
CA GLN A 195 4.09 -9.59 5.29
C GLN A 195 5.19 -8.63 4.85
N GLY A 196 5.05 -7.36 5.23
CA GLY A 196 5.91 -6.29 4.76
C GLY A 196 5.29 -5.42 3.69
N ASP A 197 4.19 -5.87 3.08
CA ASP A 197 3.45 -5.08 2.11
C ASP A 197 2.37 -4.20 2.72
N SER A 198 1.97 -4.47 3.97
CA SER A 198 0.94 -3.68 4.65
C SER A 198 1.20 -2.20 4.51
N GLY A 199 0.11 -1.45 4.31
CA GLY A 199 0.18 -0.02 4.21
C GLY A 199 0.47 0.51 2.82
N GLY A 200 0.96 -0.33 1.91
CA GLY A 200 1.25 0.09 0.56
C GLY A 200 0.01 0.14 -0.31
N PRO A 201 0.21 0.52 -1.56
CA PRO A 201 -0.90 0.82 -2.45
C PRO A 201 -1.47 -0.36 -3.21
N LEU A 202 -2.78 -0.25 -3.45
CA LEU A 202 -3.45 -0.96 -4.55
C LEU A 202 -3.98 0.12 -5.46
N VAL A 203 -3.52 0.12 -6.73
CA VAL A 203 -3.87 1.18 -7.69
C VAL A 203 -4.55 0.56 -8.89
N CYS A 204 -5.44 1.32 -9.51
CA CYS A 204 -6.15 0.87 -10.69
C CYS A 204 -6.06 1.95 -11.76
N PHE A 205 -5.68 1.54 -12.96
CA PHE A 205 -5.48 2.48 -14.06
C PHE A 205 -6.82 2.96 -14.58
N GLU A 206 -6.95 4.27 -14.77
CA GLU A 206 -8.21 4.86 -15.21
C GLU A 206 -7.90 5.95 -16.24
N LYS A 207 -8.13 5.61 -17.52
CA LYS A 207 -7.92 6.50 -18.66
C LYS A 207 -6.45 6.75 -18.99
N ASP A 208 -5.76 7.51 -18.15
CA ASP A 208 -4.37 7.85 -18.41
C ASP A 208 -3.51 7.91 -17.15
N LYS A 209 -4.03 7.48 -16.00
CA LYS A 209 -3.28 7.58 -14.75
C LYS A 209 -3.75 6.49 -13.81
N TYR A 210 -2.99 6.30 -12.73
CA TYR A 210 -3.30 5.33 -11.70
C TYR A 210 -3.99 6.02 -10.54
N ILE A 211 -5.07 5.43 -10.05
CA ILE A 211 -5.83 5.93 -8.92
C ILE A 211 -5.64 4.97 -7.76
N LEU A 212 -5.34 5.51 -6.58
CA LEU A 212 -5.19 4.71 -5.37
C LEU A 212 -6.57 4.27 -4.89
N GLN A 213 -6.82 2.96 -4.91
CA GLN A 213 -8.11 2.45 -4.47
C GLN A 213 -8.04 1.62 -3.20
N GLY A 214 -6.87 1.10 -2.84
CA GLY A 214 -6.78 0.25 -1.67
C GLY A 214 -5.48 0.48 -0.90
N VAL A 215 -5.53 0.13 0.39
CA VAL A 215 -4.34 0.07 1.24
C VAL A 215 -4.21 -1.36 1.73
N THR A 216 -3.06 -1.97 1.47
CA THR A 216 -2.83 -3.37 1.85
C THR A 216 -3.01 -3.53 3.35
N SER A 217 -3.86 -4.49 3.75
CA SER A 217 -4.28 -4.60 5.14
C SER A 217 -4.04 -5.99 5.73
N TRP A 218 -4.83 -7.00 5.32
CA TRP A 218 -4.73 -8.32 5.95
C TRP A 218 -5.13 -9.40 4.96
N GLY A 219 -4.95 -10.65 5.40
CA GLY A 219 -5.39 -11.83 4.67
C GLY A 219 -5.39 -13.02 5.60
N LEU A 220 -6.01 -14.10 5.12
CA LEU A 220 -5.87 -15.42 5.73
C LEU A 220 -4.63 -16.01 5.07
N GLY A 221 -3.48 -15.80 5.70
CA GLY A 221 -2.23 -16.13 5.03
C GLY A 221 -2.00 -15.25 3.80
N CYS A 222 -1.18 -15.77 2.89
CA CYS A 222 -0.85 -15.09 1.65
C CYS A 222 -0.91 -16.08 0.51
N ALA A 223 -1.59 -15.70 -0.57
CA ALA A 223 -1.61 -16.47 -1.82
C ALA A 223 -2.26 -17.84 -1.68
N ARG A 224 -3.07 -18.04 -0.64
CA ARG A 224 -3.74 -19.32 -0.53
C ARG A 224 -4.89 -19.40 -1.53
N PRO A 225 -5.17 -20.57 -2.09
CA PRO A 225 -6.38 -20.70 -2.92
C PRO A 225 -7.61 -20.30 -2.12
N ASN A 226 -8.55 -19.64 -2.79
CA ASN A 226 -9.85 -19.27 -2.24
C ASN A 226 -9.75 -18.28 -1.09
N LYS A 227 -8.64 -17.56 -1.00
CA LYS A 227 -8.39 -16.63 0.11
C LYS A 227 -7.77 -15.35 -0.46
N PRO A 228 -8.59 -14.47 -1.01
CA PRO A 228 -8.05 -13.24 -1.59
C PRO A 228 -7.61 -12.26 -0.51
N GLY A 229 -6.66 -11.39 -0.88
CA GLY A 229 -6.20 -10.38 0.05
C GLY A 229 -7.22 -9.27 0.26
N VAL A 230 -7.16 -8.66 1.43
CA VAL A 230 -8.09 -7.60 1.83
C VAL A 230 -7.36 -6.27 1.98
N TYR A 231 -8.00 -5.21 1.48
CA TYR A 231 -7.43 -3.88 1.35
C TYR A 231 -8.43 -2.87 1.90
N VAL A 232 -7.95 -1.83 2.60
CA VAL A 232 -8.85 -0.76 3.00
C VAL A 232 -9.29 0.00 1.75
N ARG A 233 -10.60 0.26 1.64
CA ARG A 233 -11.21 0.92 0.50
C ARG A 233 -10.98 2.42 0.61
N VAL A 234 -9.99 2.94 -0.12
CA VAL A 234 -9.55 4.32 0.05
C VAL A 234 -10.68 5.31 -0.18
N SER A 235 -11.58 5.01 -1.12
CA SER A 235 -12.61 5.99 -1.48
C SER A 235 -13.52 6.32 -0.31
N ARG A 236 -13.68 5.40 0.63
CA ARG A 236 -14.52 5.68 1.80
C ARG A 236 -13.86 6.62 2.79
N PHE A 237 -12.61 7.02 2.54
CA PHE A 237 -11.84 7.84 3.48
C PHE A 237 -11.30 9.12 2.86
N VAL A 238 -11.67 9.42 1.61
CA VAL A 238 -11.12 10.60 0.94
C VAL A 238 -11.51 11.88 1.66
N THR A 239 -12.77 11.99 2.08
CA THR A 239 -13.23 13.18 2.79
C THR A 239 -12.44 13.36 4.09
N TRP A 240 -12.23 12.26 4.83
CA TRP A 240 -11.42 12.35 6.04
C TRP A 240 -9.99 12.78 5.74
N ILE A 241 -9.37 12.17 4.72
CA ILE A 241 -7.99 12.50 4.35
C ILE A 241 -7.88 13.97 3.99
N GLU A 242 -8.79 14.47 3.16
CA GLU A 242 -8.77 15.88 2.79
C GLU A 242 -8.89 16.77 4.01
N GLY A 243 -9.75 16.40 4.96
CA GLY A 243 -9.91 17.21 6.15
C GLY A 243 -8.65 17.27 6.98
N VAL A 244 -7.95 16.14 7.12
CA VAL A 244 -6.72 16.12 7.90
C VAL A 244 -5.67 17.01 7.27
N MET A 245 -5.52 16.91 5.95
CA MET A 245 -4.51 17.73 5.26
CA MET A 245 -4.52 17.73 5.26
C MET A 245 -4.85 19.22 5.36
N ARG A 246 -6.15 19.55 5.26
CA ARG A 246 -6.56 20.95 5.34
C ARG A 246 -6.32 21.55 6.72
N ASN A 247 -6.49 20.75 7.77
CA ASN A 247 -6.48 21.26 9.13
C ASN A 247 -5.15 21.09 9.85
N ASN A 248 -4.18 20.44 9.24
CA ASN A 248 -2.91 20.17 9.91
C ASN A 248 -1.72 20.43 9.01
N GLY B 1 -7.56 -16.46 12.29
CA GLY B 1 -6.81 -16.76 11.08
C GLY B 1 -6.31 -15.53 10.36
N ARG B 2 -6.92 -14.38 10.65
CA ARG B 2 -6.51 -13.14 10.02
C ARG B 2 -5.11 -12.74 10.46
N CYS B 3 -4.29 -12.33 9.50
CA CYS B 3 -2.99 -11.74 9.83
C CYS B 3 -2.85 -10.44 9.06
N TYR B 4 -2.55 -9.37 9.78
CA TYR B 4 -2.20 -8.12 9.14
C TYR B 4 -0.78 -8.23 8.61
N LYS B 5 -0.54 -7.64 7.42
CA LYS B 5 0.66 -7.91 6.62
C LYS B 5 1.85 -6.99 6.94
N SER B 6 2.04 -6.63 8.20
CA SER B 6 3.24 -5.94 8.66
C SER B 6 4.37 -6.93 8.94
N ILE B 7 5.55 -6.40 9.25
CA ILE B 7 6.67 -7.17 9.77
C ILE B 7 6.95 -6.67 11.20
N PRO B 8 6.73 -7.49 12.23
CA PRO B 8 6.14 -8.84 12.18
C PRO B 8 4.63 -8.75 11.95
N PRO B 9 4.03 -9.83 11.45
CA PRO B 9 2.57 -9.82 11.28
C PRO B 9 1.87 -9.76 12.63
N ILE B 10 0.69 -9.17 12.62
CA ILE B 10 -0.22 -9.19 13.77
C ILE B 10 -1.33 -10.16 13.43
N CYS B 11 -1.45 -11.24 14.19
CA CYS B 11 -2.33 -12.34 13.85
C CYS B 11 -3.39 -12.56 14.91
N PHE B 12 -4.49 -13.16 14.47
CA PHE B 12 -5.67 -13.37 15.31
C PHE B 12 -6.10 -14.82 15.27
N PRO B 13 -6.82 -15.28 16.30
CA PRO B 13 -7.19 -16.70 16.37
C PRO B 13 -8.03 -17.18 15.19
N ASP B 14 -8.72 -16.28 14.48
CA ASP B 14 -9.58 -16.68 13.38
C ASP B 14 -8.84 -16.71 12.04
#